data_5VO6
#
_entry.id   5VO6
#
_cell.length_a   47.350
_cell.length_b   75.040
_cell.length_c   86.960
_cell.angle_alpha   90.00
_cell.angle_beta   90.00
_cell.angle_gamma   90.00
#
_symmetry.space_group_name_H-M   'P 21 21 21'
#
loop_
_entity.id
_entity.type
_entity.pdbx_description
1 polymer 'Tyrosine-protein kinase JAK3'
2 non-polymer 4-{[(1R,3S)-3-amino-2,2,3-trimethylcyclopentyl]amino}-6-phenylpyrrolo[1,2-b]pyridazine-3-carboxamide
3 water water
#
_entity_poly.entity_id   1
_entity_poly.type   'polypeptide(L)'
_entity_poly.pdbx_seq_one_letter_code
;GPASQDPTIFEERHLKYISQLGKGNFGSVELCRYDPLGDNTGALVAVKQLQHSGPDQQRDFQREIQILKALHSDFIVKYR
GVSYGPGRQSLRLVMEYLPSGCLRDFLQRHRARLDASRLLLYSSQICKGMEYLGSRRCVHRDLAARNILVESEAHVKIAD
FGLAKLLPLDKDYYVVREPGQSPIFWYAPESLSDNIFSRQSDVWSFGVVLYELFTYCDKSCSPSAEFLRMMGSERDVPAL
SRLLELLEEGQRLPAPPACPAEVHELMKLCWAPSPQDRPSFSALGPQLDMLWS
;
_entity_poly.pdbx_strand_id   A
#
loop_
_chem_comp.id
_chem_comp.type
_chem_comp.name
_chem_comp.formula
9J4 non-polymer 4-{[(1R,3S)-3-amino-2,2,3-trimethylcyclopentyl]amino}-6-phenylpyrrolo[1,2-b]pyridazine-3-carboxamide 'C22 H27 N5 O'
#
# COMPACT_ATOMS: atom_id res chain seq x y z
N THR A 8 15.20 13.63 13.14
CA THR A 8 15.80 12.60 12.31
C THR A 8 16.61 11.56 13.20
N ILE A 9 16.70 11.85 14.53
CA ILE A 9 17.34 11.04 15.59
C ILE A 9 16.57 11.31 16.89
N PHE A 10 15.64 10.40 17.20
CA PHE A 10 14.72 10.44 18.34
C PHE A 10 15.21 9.59 19.51
N GLU A 11 15.19 10.17 20.73
CA GLU A 11 15.61 9.40 21.91
C GLU A 11 14.50 8.47 22.39
N GLU A 12 14.87 7.20 22.60
CA GLU A 12 13.98 6.13 23.05
C GLU A 12 13.27 6.44 24.35
N ARG A 13 13.99 7.06 25.28
CA ARG A 13 13.49 7.48 26.59
C ARG A 13 12.32 8.43 26.48
N HIS A 14 12.22 9.17 25.34
CA HIS A 14 11.16 10.15 25.06
C HIS A 14 10.05 9.60 24.18
N LEU A 15 10.17 8.33 23.75
CA LEU A 15 9.12 7.73 22.92
C LEU A 15 8.17 6.97 23.84
N LYS A 16 7.02 7.60 24.14
CA LYS A 16 6.01 7.05 25.05
C LYS A 16 4.97 6.20 24.33
N TYR A 17 4.97 4.88 24.60
CA TYR A 17 4.04 3.89 24.04
C TYR A 17 2.62 4.24 24.41
N ILE A 18 1.70 4.11 23.43
CA ILE A 18 0.27 4.36 23.63
C ILE A 18 -0.51 3.08 23.30
N SER A 19 -0.30 2.55 22.10
CA SER A 19 -0.98 1.39 21.57
C SER A 19 -0.26 0.83 20.33
N GLN A 20 -0.78 -0.29 19.83
CA GLN A 20 -0.32 -0.98 18.63
C GLN A 20 -1.23 -0.58 17.45
N LEU A 21 -0.63 -0.44 16.25
CA LEU A 21 -1.36 -0.18 14.99
C LEU A 21 -1.17 -1.42 14.06
N GLY A 22 0.09 -1.85 13.93
CA GLY A 22 0.49 -3.00 13.13
C GLY A 22 1.12 -4.12 13.94
N GLY A 27 6.70 -7.29 11.14
CA GLY A 27 7.06 -6.22 12.08
C GLY A 27 5.89 -5.47 12.70
N SER A 28 6.13 -4.91 13.89
CA SER A 28 5.13 -4.16 14.66
C SER A 28 5.25 -2.66 14.43
N VAL A 29 4.11 -1.99 14.26
CA VAL A 29 3.99 -0.54 14.11
C VAL A 29 3.21 -0.07 15.34
N GLU A 30 3.83 0.78 16.12
CA GLU A 30 3.22 1.27 17.36
C GLU A 30 2.87 2.75 17.23
N LEU A 31 1.94 3.22 18.10
CA LEU A 31 1.61 4.63 18.22
C LEU A 31 2.28 5.08 19.48
N CYS A 32 3.27 5.96 19.34
CA CYS A 32 4.01 6.54 20.46
C CYS A 32 3.82 8.02 20.40
N ARG A 33 4.08 8.71 21.52
CA ARG A 33 4.08 10.15 21.52
C ARG A 33 5.55 10.48 21.67
N TYR A 34 6.13 11.36 20.80
CA TYR A 34 7.52 11.80 20.99
C TYR A 34 7.43 12.95 21.96
N ASP A 35 7.62 12.63 23.24
CA ASP A 35 7.43 13.55 24.33
C ASP A 35 8.73 13.88 25.11
N PRO A 36 9.64 14.70 24.52
CA PRO A 36 10.88 15.05 25.23
C PRO A 36 10.66 15.80 26.54
N LEU A 37 9.63 16.68 26.58
CA LEU A 37 9.24 17.45 27.77
C LEU A 37 8.69 16.55 28.92
N GLY A 38 8.15 15.35 28.59
CA GLY A 38 7.59 14.39 29.55
C GLY A 38 6.22 14.79 30.11
N ASP A 39 5.58 15.77 29.49
CA ASP A 39 4.32 16.42 29.85
C ASP A 39 3.01 15.91 29.20
N ASN A 40 3.08 15.04 28.15
CA ASN A 40 1.98 14.48 27.33
C ASN A 40 1.47 15.46 26.29
N THR A 41 2.34 16.40 25.85
CA THR A 41 1.95 17.41 24.83
C THR A 41 2.70 17.28 23.52
N GLY A 42 3.67 16.39 23.46
CA GLY A 42 4.45 16.14 22.24
C GLY A 42 3.65 15.55 21.11
N ALA A 43 4.20 15.66 19.86
CA ALA A 43 3.59 15.14 18.63
C ALA A 43 3.50 13.62 18.63
N LEU A 44 2.44 13.09 17.97
CA LEU A 44 2.24 11.64 17.83
C LEU A 44 3.00 11.10 16.64
N VAL A 45 3.70 9.98 16.84
CA VAL A 45 4.48 9.36 15.78
C VAL A 45 4.15 7.88 15.58
N ALA A 46 4.44 7.37 14.38
CA ALA A 46 4.25 5.97 14.03
C ALA A 46 5.65 5.34 14.05
N VAL A 47 5.86 4.38 14.96
CA VAL A 47 7.16 3.74 15.17
C VAL A 47 7.15 2.23 14.82
N LYS A 48 8.00 1.83 13.85
CA LYS A 48 8.10 0.45 13.38
C LYS A 48 9.39 -0.22 13.80
N GLN A 49 9.27 -1.49 14.17
CA GLN A 49 10.40 -2.31 14.55
C GLN A 49 10.06 -3.78 14.28
N LEU A 50 11.12 -4.60 14.02
CA LEU A 50 11.00 -6.04 13.79
C LEU A 50 11.17 -6.80 15.11
N GLN A 51 10.27 -7.78 15.34
CA GLN A 51 10.30 -8.63 16.52
C GLN A 51 11.36 -9.70 16.32
N HIS A 52 11.55 -10.09 15.05
CA HIS A 52 12.50 -11.10 14.65
C HIS A 52 13.91 -10.55 14.54
N SER A 53 14.81 -11.02 15.41
CA SER A 53 16.23 -10.69 15.36
C SER A 53 16.85 -11.56 14.25
N GLY A 54 17.99 -11.14 13.74
CA GLY A 54 18.67 -11.87 12.68
C GLY A 54 19.44 -11.01 11.69
N PRO A 55 20.25 -11.65 10.81
CA PRO A 55 21.01 -10.87 9.83
C PRO A 55 20.18 -10.51 8.60
N ASP A 56 19.21 -11.39 8.23
CA ASP A 56 18.31 -11.21 7.10
C ASP A 56 17.22 -10.21 7.48
N GLN A 57 16.78 -10.24 8.75
CA GLN A 57 15.78 -9.34 9.30
C GLN A 57 16.36 -7.92 9.43
N GLN A 58 17.61 -7.80 9.95
CA GLN A 58 18.34 -6.53 10.08
C GLN A 58 18.47 -5.85 8.72
N ARG A 59 18.76 -6.66 7.66
CA ARG A 59 18.91 -6.23 6.26
C ARG A 59 17.55 -5.80 5.70
N ASP A 60 16.46 -6.54 6.05
CA ASP A 60 15.07 -6.29 5.64
C ASP A 60 14.56 -4.96 6.15
N PHE A 61 14.84 -4.66 7.43
CA PHE A 61 14.48 -3.42 8.13
C PHE A 61 15.43 -2.28 7.74
N GLN A 62 16.71 -2.57 7.36
CA GLN A 62 17.66 -1.53 6.96
C GLN A 62 17.26 -0.99 5.61
N ARG A 63 16.79 -1.90 4.75
CA ARG A 63 16.30 -1.66 3.40
C ARG A 63 15.06 -0.76 3.47
N GLU A 64 14.13 -1.06 4.41
CA GLU A 64 12.89 -0.28 4.59
C GLU A 64 13.19 1.18 4.94
N ILE A 65 14.16 1.39 5.85
CA ILE A 65 14.58 2.71 6.30
C ILE A 65 15.19 3.51 5.13
N GLN A 66 16.19 2.94 4.41
CA GLN A 66 16.87 3.60 3.29
C GLN A 66 15.89 4.05 2.20
N ILE A 67 14.90 3.18 1.89
CA ILE A 67 13.81 3.41 0.93
C ILE A 67 13.00 4.63 1.35
N LEU A 68 12.44 4.63 2.58
CA LEU A 68 11.63 5.74 3.08
C LEU A 68 12.37 7.05 3.20
N LYS A 69 13.60 7.01 3.74
CA LYS A 69 14.49 8.16 3.93
C LYS A 69 14.68 8.94 2.61
N ALA A 70 14.73 8.24 1.45
CA ALA A 70 14.91 8.91 0.14
C ALA A 70 13.60 9.15 -0.64
N LEU A 71 12.43 8.87 -0.03
CA LEU A 71 11.13 9.10 -0.69
C LEU A 71 10.54 10.42 -0.23
N HIS A 72 10.28 11.37 -1.19
CA HIS A 72 9.81 12.71 -0.89
C HIS A 72 8.58 13.11 -1.70
N SER A 73 7.50 12.39 -1.52
CA SER A 73 6.23 12.68 -2.21
C SER A 73 5.17 13.19 -1.21
N ASP A 74 4.19 13.96 -1.69
CA ASP A 74 3.08 14.41 -0.83
C ASP A 74 2.09 13.24 -0.64
N PHE A 75 2.27 12.20 -1.47
CA PHE A 75 1.44 11.02 -1.50
C PHE A 75 2.13 9.77 -0.96
N ILE A 76 3.27 9.94 -0.28
CA ILE A 76 3.99 8.85 0.40
C ILE A 76 4.19 9.26 1.85
N VAL A 77 3.84 8.33 2.78
CA VAL A 77 3.94 8.55 4.23
C VAL A 77 5.34 9.06 4.56
N LYS A 78 5.40 10.19 5.29
CA LYS A 78 6.61 10.89 5.66
C LYS A 78 7.43 10.12 6.68
N TYR A 79 8.71 9.90 6.37
CA TYR A 79 9.75 9.35 7.23
C TYR A 79 10.14 10.54 8.14
N ARG A 80 10.12 10.37 9.48
CA ARG A 80 10.51 11.43 10.40
C ARG A 80 11.95 11.27 10.91
N GLY A 81 12.44 10.02 10.95
CA GLY A 81 13.78 9.68 11.41
C GLY A 81 13.90 8.27 11.96
N VAL A 82 15.02 7.98 12.65
CA VAL A 82 15.32 6.71 13.33
C VAL A 82 15.49 6.94 14.81
N SER A 83 15.26 5.89 15.58
CA SER A 83 15.37 5.87 17.05
C SER A 83 16.78 5.64 17.55
N TYR A 84 17.01 6.09 18.79
CA TYR A 84 18.29 6.07 19.50
C TYR A 84 18.02 5.72 20.97
N GLY A 85 18.49 4.55 21.39
CA GLY A 85 18.32 4.11 22.78
C GLY A 85 19.44 3.25 23.34
N PRO A 86 19.21 2.58 24.51
CA PRO A 86 20.25 1.69 25.03
C PRO A 86 20.32 0.36 24.26
N GLY A 87 21.49 0.12 23.66
CA GLY A 87 21.78 -1.09 22.90
C GLY A 87 21.52 -0.99 21.42
N ARG A 88 22.07 -1.95 20.64
CA ARG A 88 21.91 -2.05 19.19
C ARG A 88 20.47 -2.44 18.85
N GLN A 89 19.87 -3.31 19.70
CA GLN A 89 18.50 -3.83 19.64
C GLN A 89 17.36 -2.75 19.72
N SER A 90 17.62 -1.57 20.33
CA SER A 90 16.64 -0.48 20.53
C SER A 90 16.26 0.36 19.27
N LEU A 91 17.04 0.28 18.17
CA LEU A 91 16.80 1.08 16.95
C LEU A 91 15.44 0.77 16.24
N ARG A 92 14.62 1.82 16.03
CA ARG A 92 13.32 1.72 15.39
C ARG A 92 13.15 2.81 14.38
N LEU A 93 12.23 2.62 13.43
CA LEU A 93 11.93 3.57 12.37
C LEU A 93 10.77 4.48 12.81
N VAL A 94 10.96 5.80 12.69
CA VAL A 94 9.96 6.78 13.11
C VAL A 94 9.41 7.46 11.86
N MET A 95 8.08 7.30 11.65
CA MET A 95 7.32 7.93 10.56
C MET A 95 6.27 8.82 11.20
N GLU A 96 5.51 9.53 10.39
CA GLU A 96 4.46 10.37 10.93
C GLU A 96 3.21 9.51 11.19
N TYR A 97 2.32 10.00 12.07
CA TYR A 97 1.07 9.33 12.37
C TYR A 97 -0.05 10.16 11.74
N LEU A 98 -1.02 9.47 11.11
CA LEU A 98 -2.18 10.07 10.45
C LEU A 98 -3.42 9.64 11.21
N PRO A 99 -3.95 10.52 12.10
CA PRO A 99 -5.06 10.11 12.98
C PRO A 99 -6.25 9.46 12.31
N SER A 100 -6.62 9.92 11.08
CA SER A 100 -7.73 9.36 10.32
C SER A 100 -7.54 7.87 10.00
N GLY A 101 -6.29 7.39 10.07
CA GLY A 101 -5.97 6.00 9.83
C GLY A 101 -6.04 5.52 8.39
N CYS A 102 -6.13 4.20 8.21
CA CYS A 102 -6.14 3.61 6.88
C CYS A 102 -7.42 3.90 6.11
N LEU A 103 -7.27 3.96 4.78
CA LEU A 103 -8.35 4.23 3.83
C LEU A 103 -9.41 3.14 3.91
N ARG A 104 -9.05 1.89 4.32
CA ARG A 104 -9.98 0.75 4.43
C ARG A 104 -11.09 1.03 5.45
N ASP A 105 -10.68 1.45 6.66
CA ASP A 105 -11.60 1.78 7.73
C ASP A 105 -12.37 3.08 7.46
N PHE A 106 -11.65 4.11 6.98
CA PHE A 106 -12.17 5.42 6.64
C PHE A 106 -13.33 5.36 5.63
N LEU A 107 -13.17 4.51 4.58
CA LEU A 107 -14.16 4.30 3.54
C LEU A 107 -15.41 3.68 4.11
N GLN A 108 -15.24 2.71 5.04
CA GLN A 108 -16.33 2.02 5.73
C GLN A 108 -17.04 2.95 6.74
N ARG A 109 -16.29 3.83 7.44
CA ARG A 109 -16.84 4.75 8.46
C ARG A 109 -17.55 5.95 7.86
N HIS A 110 -17.16 6.37 6.63
CA HIS A 110 -17.67 7.59 5.95
C HIS A 110 -18.30 7.39 4.58
N ARG A 111 -18.76 6.18 4.20
CA ARG A 111 -19.40 5.88 2.90
C ARG A 111 -20.27 7.03 2.35
N ALA A 112 -21.29 7.42 3.14
CA ALA A 112 -22.38 8.37 2.81
C ALA A 112 -21.93 9.68 2.19
N ARG A 113 -20.77 10.18 2.62
CA ARG A 113 -20.20 11.43 2.13
C ARG A 113 -19.05 11.23 1.14
N LEU A 114 -18.77 9.98 0.75
CA LEU A 114 -17.70 9.79 -0.21
C LEU A 114 -18.32 9.39 -1.52
N ASP A 115 -18.35 10.31 -2.47
CA ASP A 115 -18.92 10.07 -3.79
C ASP A 115 -17.86 9.57 -4.75
N ALA A 116 -18.25 9.35 -6.00
CA ALA A 116 -17.36 8.84 -7.04
C ALA A 116 -16.21 9.82 -7.35
N SER A 117 -16.44 11.15 -7.32
CA SER A 117 -15.40 12.11 -7.65
C SER A 117 -14.34 12.07 -6.58
N ARG A 118 -14.77 11.93 -5.32
CA ARG A 118 -13.90 11.78 -4.14
C ARG A 118 -13.06 10.51 -4.24
N LEU A 119 -13.71 9.38 -4.58
CA LEU A 119 -13.02 8.10 -4.76
C LEU A 119 -11.98 8.21 -5.86
N LEU A 120 -12.30 9.01 -6.90
CA LEU A 120 -11.43 9.26 -8.06
C LEU A 120 -10.28 10.15 -7.70
N LEU A 121 -10.53 11.15 -6.82
CA LEU A 121 -9.48 12.03 -6.32
C LEU A 121 -8.43 11.19 -5.54
N TYR A 122 -8.89 10.27 -4.66
CA TYR A 122 -8.02 9.36 -3.92
C TYR A 122 -7.26 8.49 -4.93
N SER A 123 -7.97 7.89 -5.91
CA SER A 123 -7.42 7.00 -6.96
C SER A 123 -6.28 7.65 -7.70
N SER A 124 -6.45 8.95 -8.07
CA SER A 124 -5.49 9.79 -8.78
C SER A 124 -4.24 10.05 -7.94
N GLN A 125 -4.44 10.32 -6.63
CA GLN A 125 -3.37 10.57 -5.66
C GLN A 125 -2.53 9.33 -5.39
N ILE A 126 -3.17 8.15 -5.27
CA ILE A 126 -2.50 6.87 -5.04
C ILE A 126 -1.59 6.63 -6.27
N CYS A 127 -2.16 6.87 -7.45
CA CYS A 127 -1.55 6.72 -8.75
C CYS A 127 -0.28 7.59 -8.90
N LYS A 128 -0.40 8.90 -8.60
CA LYS A 128 0.69 9.85 -8.66
C LYS A 128 1.81 9.39 -7.72
N GLY A 129 1.42 8.81 -6.57
CA GLY A 129 2.32 8.24 -5.58
C GLY A 129 3.01 6.98 -6.08
N MET A 130 2.27 6.17 -6.87
CA MET A 130 2.80 4.93 -7.42
C MET A 130 3.73 5.20 -8.60
N GLU A 131 3.38 6.23 -9.38
CA GLU A 131 4.12 6.81 -10.50
C GLU A 131 5.50 7.29 -9.96
N TYR A 132 5.49 8.07 -8.84
CA TYR A 132 6.70 8.50 -8.14
C TYR A 132 7.57 7.30 -7.65
N LEU A 133 6.95 6.21 -7.14
CA LEU A 133 7.71 5.05 -6.67
C LEU A 133 8.46 4.34 -7.82
N GLY A 134 7.81 4.24 -8.97
CA GLY A 134 8.43 3.64 -10.15
C GLY A 134 9.60 4.49 -10.59
N SER A 135 9.44 5.85 -10.50
CA SER A 135 10.45 6.84 -10.87
C SER A 135 11.76 6.63 -10.12
N ARG A 136 11.66 6.15 -8.86
CA ARG A 136 12.75 5.86 -7.94
C ARG A 136 13.18 4.40 -7.98
N ARG A 137 12.58 3.59 -8.89
CA ARG A 137 12.84 2.15 -9.12
C ARG A 137 12.30 1.26 -7.99
N CYS A 138 11.28 1.75 -7.26
CA CYS A 138 10.70 1.03 -6.15
C CYS A 138 9.44 0.30 -6.52
N VAL A 139 9.47 -1.03 -6.33
CA VAL A 139 8.30 -1.89 -6.45
C VAL A 139 7.72 -1.93 -5.01
N HIS A 140 6.42 -1.65 -4.84
CA HIS A 140 5.82 -1.64 -3.50
C HIS A 140 5.58 -3.05 -2.95
N ARG A 141 4.94 -3.94 -3.76
CA ARG A 141 4.59 -5.34 -3.48
C ARG A 141 3.40 -5.53 -2.56
N ASP A 142 2.99 -4.48 -1.80
CA ASP A 142 1.84 -4.67 -0.92
C ASP A 142 0.81 -3.56 -1.05
N LEU A 143 0.55 -3.12 -2.30
CA LEU A 143 -0.43 -2.08 -2.55
C LEU A 143 -1.84 -2.64 -2.30
N ALA A 144 -2.54 -2.03 -1.32
CA ALA A 144 -3.94 -2.32 -0.87
C ALA A 144 -4.45 -1.15 -0.02
N ALA A 145 -5.79 -1.01 0.05
CA ALA A 145 -6.45 0.07 0.81
C ALA A 145 -6.04 0.09 2.26
N ARG A 146 -5.73 -1.09 2.81
CA ARG A 146 -5.28 -1.25 4.21
C ARG A 146 -3.91 -0.58 4.44
N ASN A 147 -3.14 -0.36 3.35
CA ASN A 147 -1.77 0.18 3.32
C ASN A 147 -1.67 1.61 2.86
N ILE A 148 -2.84 2.22 2.60
CA ILE A 148 -2.99 3.62 2.21
C ILE A 148 -3.62 4.33 3.43
N LEU A 149 -3.05 5.49 3.83
CA LEU A 149 -3.50 6.32 4.95
C LEU A 149 -4.15 7.62 4.50
N VAL A 150 -5.13 8.09 5.27
CA VAL A 150 -5.85 9.33 5.01
C VAL A 150 -5.19 10.52 5.73
N GLU A 151 -4.62 11.46 4.94
CA GLU A 151 -3.97 12.66 5.48
C GLU A 151 -5.04 13.67 5.95
N SER A 152 -6.12 13.79 5.16
CA SER A 152 -7.29 14.66 5.38
C SER A 152 -8.42 14.29 4.38
N GLU A 153 -9.53 15.00 4.44
CA GLU A 153 -10.69 14.76 3.60
C GLU A 153 -10.31 14.48 2.13
N ALA A 154 -9.51 15.37 1.52
CA ALA A 154 -9.15 15.21 0.13
C ALA A 154 -7.66 14.89 -0.05
N HIS A 155 -7.09 14.08 0.84
CA HIS A 155 -5.67 13.76 0.74
C HIS A 155 -5.36 12.40 1.33
N VAL A 156 -4.71 11.54 0.53
CA VAL A 156 -4.27 10.18 0.90
C VAL A 156 -2.77 9.98 0.64
N LYS A 157 -2.13 9.08 1.41
CA LYS A 157 -0.70 8.74 1.34
C LYS A 157 -0.47 7.21 1.29
N ILE A 158 0.60 6.76 0.59
CA ILE A 158 0.94 5.34 0.52
C ILE A 158 1.86 5.02 1.68
N ALA A 159 1.56 3.95 2.42
CA ALA A 159 2.36 3.49 3.54
C ALA A 159 2.68 1.97 3.40
N ASP A 160 3.31 1.34 4.43
CA ASP A 160 3.79 -0.05 4.52
C ASP A 160 4.87 -0.34 3.45
N PHE A 161 6.15 -0.09 3.80
CA PHE A 161 7.27 -0.30 2.89
C PHE A 161 8.13 -1.52 3.28
N GLY A 162 7.54 -2.43 4.07
CA GLY A 162 8.19 -3.64 4.57
C GLY A 162 8.51 -4.70 3.54
N LEU A 163 7.72 -4.77 2.46
CA LEU A 163 7.92 -5.72 1.36
C LEU A 163 8.54 -5.02 0.13
N ALA A 164 8.72 -3.66 0.19
CA ALA A 164 9.27 -2.85 -0.90
C ALA A 164 10.72 -3.22 -1.26
N LYS A 165 10.98 -3.40 -2.57
CA LYS A 165 12.28 -3.75 -3.15
C LYS A 165 12.66 -2.75 -4.22
N LEU A 166 13.95 -2.40 -4.26
CA LEU A 166 14.50 -1.49 -5.24
C LEU A 166 15.06 -2.32 -6.41
N LEU A 167 14.60 -1.99 -7.61
CA LEU A 167 15.01 -2.68 -8.81
C LEU A 167 16.40 -2.29 -9.21
N PRO A 168 17.29 -3.26 -9.58
CA PRO A 168 18.63 -2.85 -10.06
C PRO A 168 18.53 -2.11 -11.39
N LEU A 169 19.54 -1.28 -11.71
CA LEU A 169 19.54 -0.43 -12.91
C LEU A 169 19.38 -1.13 -14.25
N ASP A 170 19.85 -2.39 -14.37
CA ASP A 170 19.80 -3.12 -15.63
C ASP A 170 18.65 -4.14 -15.72
N LYS A 171 17.72 -4.14 -14.74
CA LYS A 171 16.58 -5.08 -14.69
C LYS A 171 15.27 -4.36 -14.37
N ASP A 172 14.16 -4.85 -14.93
CA ASP A 172 12.83 -4.23 -14.76
C ASP A 172 11.92 -4.99 -13.79
N TYR A 173 12.38 -6.16 -13.32
CA TYR A 173 11.65 -7.04 -12.43
C TYR A 173 12.54 -7.55 -11.30
N TYR A 174 11.94 -8.28 -10.35
CA TYR A 174 12.56 -8.84 -9.15
C TYR A 174 11.94 -10.21 -8.86
N VAL A 175 12.78 -11.20 -8.54
CA VAL A 175 12.27 -12.53 -8.19
C VAL A 175 12.48 -12.74 -6.71
N VAL A 176 11.35 -12.80 -5.98
CA VAL A 176 11.36 -12.98 -4.53
C VAL A 176 11.24 -14.48 -4.20
N PRO A 183 -2.40 -11.56 1.37
CA PRO A 183 -3.53 -12.17 0.67
C PRO A 183 -3.31 -12.26 -0.84
N ILE A 184 -3.65 -13.44 -1.38
CA ILE A 184 -3.37 -13.83 -2.76
C ILE A 184 -4.19 -13.09 -3.80
N PHE A 185 -5.19 -12.33 -3.32
CA PHE A 185 -6.13 -11.61 -4.14
C PHE A 185 -5.63 -10.25 -4.68
N TRP A 186 -4.43 -9.81 -4.26
CA TRP A 186 -3.88 -8.55 -4.74
C TRP A 186 -2.69 -8.84 -5.64
N TYR A 187 -2.22 -10.11 -5.64
CA TYR A 187 -1.08 -10.53 -6.46
C TYR A 187 -1.45 -10.66 -7.94
N ALA A 188 -0.50 -10.31 -8.82
CA ALA A 188 -0.60 -10.43 -10.28
C ALA A 188 -0.44 -11.93 -10.67
N PRO A 189 -0.85 -12.41 -11.89
CA PRO A 189 -0.67 -13.82 -12.21
C PRO A 189 0.80 -14.25 -12.18
N GLU A 190 1.73 -13.37 -12.66
CA GLU A 190 3.15 -13.69 -12.67
C GLU A 190 3.72 -13.79 -11.26
N SER A 191 3.20 -12.97 -10.31
CA SER A 191 3.62 -13.02 -8.91
C SER A 191 3.16 -14.36 -8.33
N LEU A 192 1.89 -14.75 -8.58
CA LEU A 192 1.29 -16.01 -8.12
C LEU A 192 2.08 -17.26 -8.58
N SER A 193 2.42 -17.35 -9.89
CA SER A 193 3.10 -18.53 -10.46
C SER A 193 4.62 -18.53 -10.39
N ASP A 194 5.27 -17.39 -10.63
CA ASP A 194 6.72 -17.37 -10.69
C ASP A 194 7.35 -16.42 -9.72
N ASN A 195 6.54 -15.81 -8.82
CA ASN A 195 6.99 -14.85 -7.79
C ASN A 195 7.80 -13.70 -8.40
N ILE A 196 7.37 -13.26 -9.59
CA ILE A 196 7.99 -12.16 -10.31
C ILE A 196 7.27 -10.90 -9.88
N PHE A 197 8.02 -9.91 -9.37
CA PHE A 197 7.47 -8.62 -8.95
C PHE A 197 8.09 -7.52 -9.74
N SER A 198 7.29 -6.53 -10.13
CA SER A 198 7.70 -5.38 -10.96
C SER A 198 6.71 -4.21 -10.77
N ARG A 199 6.94 -3.09 -11.46
CA ARG A 199 6.01 -1.97 -11.45
C ARG A 199 4.70 -2.42 -12.13
N GLN A 200 4.79 -3.33 -13.10
CA GLN A 200 3.65 -3.90 -13.79
C GLN A 200 2.80 -4.77 -12.83
N SER A 201 3.41 -5.40 -11.82
CA SER A 201 2.60 -6.15 -10.85
C SER A 201 1.94 -5.15 -9.86
N ASP A 202 2.63 -4.03 -9.53
CA ASP A 202 2.06 -2.97 -8.69
C ASP A 202 0.76 -2.46 -9.33
N VAL A 203 0.75 -2.27 -10.70
CA VAL A 203 -0.42 -1.82 -11.49
C VAL A 203 -1.61 -2.79 -11.31
N TRP A 204 -1.34 -4.12 -11.36
CA TRP A 204 -2.37 -5.14 -11.12
C TRP A 204 -3.02 -4.85 -9.74
N SER A 205 -2.19 -4.80 -8.67
CA SER A 205 -2.59 -4.47 -7.30
C SER A 205 -3.39 -3.15 -7.28
N PHE A 206 -2.99 -2.13 -8.08
CA PHE A 206 -3.71 -0.86 -8.21
C PHE A 206 -5.17 -1.04 -8.67
N GLY A 207 -5.40 -1.97 -9.60
CA GLY A 207 -6.72 -2.30 -10.11
C GLY A 207 -7.59 -2.85 -9.01
N VAL A 208 -6.98 -3.63 -8.09
CA VAL A 208 -7.67 -4.21 -6.93
C VAL A 208 -7.99 -3.11 -5.92
N VAL A 209 -7.11 -2.08 -5.83
CA VAL A 209 -7.23 -0.87 -5.01
C VAL A 209 -8.43 -0.02 -5.56
N LEU A 210 -8.51 0.16 -6.91
CA LEU A 210 -9.61 0.87 -7.54
C LEU A 210 -10.92 0.16 -7.20
N TYR A 211 -10.92 -1.19 -7.25
CA TYR A 211 -12.03 -2.07 -6.94
C TYR A 211 -12.47 -1.90 -5.45
N GLU A 212 -11.48 -1.97 -4.50
CA GLU A 212 -11.64 -1.76 -3.05
C GLU A 212 -12.25 -0.37 -2.78
N LEU A 213 -11.78 0.66 -3.50
CA LEU A 213 -12.25 2.02 -3.31
C LEU A 213 -13.72 2.10 -3.71
N PHE A 214 -14.06 1.61 -4.93
CA PHE A 214 -15.41 1.70 -5.46
C PHE A 214 -16.38 0.69 -4.83
N THR A 215 -15.89 -0.20 -3.90
CA THR A 215 -16.73 -1.10 -3.12
C THR A 215 -16.83 -0.54 -1.68
N TYR A 216 -16.10 0.59 -1.39
CA TYR A 216 -15.98 1.26 -0.09
C TYR A 216 -15.37 0.31 0.96
N CYS A 217 -14.56 -0.64 0.46
CA CYS A 217 -13.89 -1.68 1.23
C CYS A 217 -14.89 -2.54 1.99
N ASP A 218 -16.10 -2.74 1.37
CA ASP A 218 -17.17 -3.56 1.96
C ASP A 218 -16.67 -4.98 2.11
N LYS A 219 -16.79 -5.57 3.29
CA LYS A 219 -16.26 -6.92 3.51
C LYS A 219 -16.99 -8.02 2.71
N SER A 220 -18.32 -7.90 2.52
CA SER A 220 -19.13 -8.91 1.82
C SER A 220 -18.88 -8.96 0.31
N CYS A 221 -18.25 -7.90 -0.25
CA CYS A 221 -17.85 -7.89 -1.66
C CYS A 221 -16.36 -7.53 -1.80
N SER A 222 -15.55 -7.93 -0.81
CA SER A 222 -14.11 -7.71 -0.76
C SER A 222 -13.47 -8.58 -1.84
N PRO A 223 -12.24 -8.28 -2.34
CA PRO A 223 -11.64 -9.15 -3.36
C PRO A 223 -11.61 -10.62 -2.96
N SER A 224 -11.41 -10.88 -1.65
CA SER A 224 -11.42 -12.23 -1.06
C SER A 224 -12.80 -12.87 -1.14
N ALA A 225 -13.83 -12.26 -0.49
CA ALA A 225 -15.22 -12.78 -0.47
C ALA A 225 -15.73 -13.12 -1.87
N GLU A 226 -15.48 -12.23 -2.88
CA GLU A 226 -15.92 -12.45 -4.25
C GLU A 226 -15.09 -13.50 -5.01
N PHE A 227 -13.76 -13.38 -5.04
CA PHE A 227 -12.89 -14.36 -5.71
C PHE A 227 -13.08 -15.77 -5.16
N LEU A 228 -13.27 -15.92 -3.81
CA LEU A 228 -13.53 -17.22 -3.20
C LEU A 228 -14.86 -17.77 -3.64
N ARG A 229 -15.88 -16.89 -3.80
CA ARG A 229 -17.23 -17.23 -4.25
C ARG A 229 -17.14 -17.87 -5.65
N MET A 230 -16.38 -17.22 -6.56
CA MET A 230 -16.14 -17.63 -7.95
C MET A 230 -15.26 -18.88 -8.03
N MET A 231 -14.43 -19.09 -6.99
CA MET A 231 -13.53 -20.24 -6.88
C MET A 231 -14.32 -21.46 -6.46
N GLY A 232 -15.09 -21.32 -5.37
CA GLY A 232 -15.93 -22.36 -4.77
C GLY A 232 -16.32 -22.06 -3.34
N VAL A 237 -7.73 -29.33 -5.60
CA VAL A 237 -6.42 -28.71 -5.80
C VAL A 237 -6.23 -27.42 -4.95
N PRO A 238 -4.97 -26.97 -4.65
CA PRO A 238 -4.79 -25.78 -3.81
C PRO A 238 -5.48 -24.50 -4.32
N ALA A 239 -6.01 -23.71 -3.38
CA ALA A 239 -6.70 -22.44 -3.62
C ALA A 239 -5.96 -21.49 -4.55
N LEU A 240 -4.61 -21.36 -4.39
CA LEU A 240 -3.76 -20.51 -5.23
C LEU A 240 -3.84 -20.95 -6.69
N SER A 241 -3.71 -22.27 -6.94
CA SER A 241 -3.77 -22.85 -8.29
C SER A 241 -5.13 -22.57 -8.98
N ARG A 242 -6.25 -22.80 -8.24
CA ARG A 242 -7.63 -22.50 -8.65
C ARG A 242 -7.81 -21.00 -9.07
N LEU A 243 -7.34 -20.05 -8.24
CA LEU A 243 -7.41 -18.62 -8.52
C LEU A 243 -6.65 -18.29 -9.79
N LEU A 244 -5.46 -18.88 -9.92
CA LEU A 244 -4.56 -18.71 -11.06
C LEU A 244 -5.17 -19.32 -12.33
N GLU A 245 -5.95 -20.42 -12.19
CA GLU A 245 -6.67 -21.09 -13.27
C GLU A 245 -7.77 -20.14 -13.73
N LEU A 246 -8.56 -19.64 -12.75
CA LEU A 246 -9.66 -18.69 -12.91
C LEU A 246 -9.16 -17.43 -13.65
N LEU A 247 -7.98 -16.90 -13.25
CA LEU A 247 -7.35 -15.73 -13.87
C LEU A 247 -6.88 -16.00 -15.31
N GLU A 248 -6.22 -17.18 -15.54
CA GLU A 248 -5.77 -17.67 -16.86
C GLU A 248 -6.96 -17.68 -17.84
N GLU A 249 -8.16 -18.15 -17.37
CA GLU A 249 -9.44 -18.19 -18.09
C GLU A 249 -9.96 -16.78 -18.43
N GLY A 250 -9.39 -15.74 -17.82
CA GLY A 250 -9.82 -14.37 -18.07
C GLY A 250 -10.97 -13.89 -17.19
N GLN A 251 -11.32 -14.68 -16.17
CA GLN A 251 -12.36 -14.27 -15.21
C GLN A 251 -11.79 -13.17 -14.32
N ARG A 252 -12.62 -12.18 -13.98
CA ARG A 252 -12.17 -11.07 -13.16
C ARG A 252 -13.20 -10.75 -12.08
N LEU A 253 -12.81 -9.89 -11.13
CA LEU A 253 -13.74 -9.39 -10.12
C LEU A 253 -14.84 -8.61 -10.86
N PRO A 254 -16.11 -8.65 -10.40
CA PRO A 254 -17.15 -7.92 -11.14
C PRO A 254 -17.09 -6.43 -10.89
N ALA A 255 -17.79 -5.63 -11.71
CA ALA A 255 -17.80 -4.18 -11.45
C ALA A 255 -18.49 -3.93 -10.08
N PRO A 256 -17.88 -3.15 -9.16
CA PRO A 256 -18.54 -2.89 -7.85
C PRO A 256 -19.98 -2.40 -7.99
N PRO A 257 -20.89 -2.69 -7.04
CA PRO A 257 -22.27 -2.15 -7.15
C PRO A 257 -22.27 -0.63 -7.33
N ALA A 258 -22.93 -0.14 -8.41
CA ALA A 258 -23.07 1.27 -8.86
C ALA A 258 -21.75 1.93 -9.36
N CYS A 259 -20.75 1.11 -9.71
CA CYS A 259 -19.48 1.64 -10.18
C CYS A 259 -19.62 2.25 -11.59
N PRO A 260 -19.16 3.52 -11.78
CA PRO A 260 -19.19 4.10 -13.13
C PRO A 260 -18.39 3.18 -14.06
N ALA A 261 -19.00 2.83 -15.19
CA ALA A 261 -18.44 1.91 -16.21
C ALA A 261 -17.01 2.22 -16.63
N GLU A 262 -16.69 3.51 -16.75
CA GLU A 262 -15.37 4.01 -17.15
C GLU A 262 -14.29 3.57 -16.15
N VAL A 263 -14.65 3.60 -14.86
CA VAL A 263 -13.78 3.20 -13.75
C VAL A 263 -13.49 1.71 -13.79
N HIS A 264 -14.52 0.87 -14.07
CA HIS A 264 -14.39 -0.58 -14.20
C HIS A 264 -13.55 -1.01 -15.43
N GLU A 265 -13.59 -0.24 -16.55
CA GLU A 265 -12.78 -0.53 -17.76
C GLU A 265 -11.29 -0.36 -17.42
N LEU A 266 -10.97 0.70 -16.63
CA LEU A 266 -9.60 0.98 -16.20
C LEU A 266 -9.04 -0.13 -15.33
N MET A 267 -9.88 -0.73 -14.46
CA MET A 267 -9.48 -1.84 -13.59
C MET A 267 -9.16 -3.03 -14.49
N LYS A 268 -9.95 -3.22 -15.58
CA LYS A 268 -9.74 -4.34 -16.51
C LYS A 268 -8.50 -4.15 -17.37
N LEU A 269 -7.99 -2.91 -17.48
CA LEU A 269 -6.73 -2.66 -18.16
C LEU A 269 -5.63 -3.02 -17.16
N CYS A 270 -5.76 -2.58 -15.88
CA CYS A 270 -4.82 -2.89 -14.78
C CYS A 270 -4.66 -4.42 -14.61
N TRP A 271 -5.71 -5.18 -15.02
CA TRP A 271 -5.80 -6.64 -14.91
C TRP A 271 -5.53 -7.40 -16.23
N ALA A 272 -4.88 -6.74 -17.23
CA ALA A 272 -4.44 -7.34 -18.51
C ALA A 272 -3.57 -8.56 -18.14
N PRO A 273 -3.75 -9.76 -18.77
CA PRO A 273 -2.95 -10.93 -18.37
C PRO A 273 -1.46 -10.73 -18.53
N SER A 274 -1.05 -10.08 -19.61
CA SER A 274 0.39 -9.85 -19.79
C SER A 274 0.84 -8.51 -19.23
N PRO A 275 1.92 -8.54 -18.42
CA PRO A 275 2.46 -7.28 -17.87
C PRO A 275 2.77 -6.14 -18.84
N GLN A 276 3.13 -6.43 -20.10
CA GLN A 276 3.42 -5.38 -21.09
C GLN A 276 2.16 -4.63 -21.54
N ASP A 277 1.01 -5.29 -21.43
CA ASP A 277 -0.29 -4.79 -21.84
C ASP A 277 -0.92 -3.84 -20.85
N ARG A 278 -0.53 -3.94 -19.58
CA ARG A 278 -1.05 -3.11 -18.48
C ARG A 278 -0.62 -1.69 -18.69
N PRO A 279 -1.49 -0.69 -18.44
CA PRO A 279 -1.06 0.71 -18.60
C PRO A 279 0.03 1.10 -17.59
N SER A 280 0.78 2.17 -17.88
CA SER A 280 1.77 2.64 -16.91
C SER A 280 1.00 3.55 -15.93
N PHE A 281 1.57 3.80 -14.73
CA PHE A 281 0.99 4.71 -13.73
C PHE A 281 0.89 6.09 -14.35
N SER A 282 1.95 6.49 -15.07
CA SER A 282 2.03 7.73 -15.85
C SER A 282 0.88 7.79 -16.86
N ALA A 283 0.55 6.66 -17.51
CA ALA A 283 -0.54 6.59 -18.49
C ALA A 283 -1.93 6.63 -17.82
N LEU A 284 -2.07 5.99 -16.66
CA LEU A 284 -3.33 5.96 -15.88
C LEU A 284 -3.70 7.32 -15.28
N GLY A 285 -2.68 8.11 -14.89
CA GLY A 285 -2.82 9.41 -14.25
C GLY A 285 -3.82 10.33 -14.94
N PRO A 286 -3.49 10.81 -16.16
CA PRO A 286 -4.43 11.67 -16.90
C PRO A 286 -5.84 11.09 -17.09
N GLN A 287 -5.98 9.74 -17.21
CA GLN A 287 -7.30 9.07 -17.31
C GLN A 287 -8.16 9.31 -16.07
N LEU A 288 -7.59 9.12 -14.86
CA LEU A 288 -8.32 9.31 -13.61
C LEU A 288 -8.64 10.78 -13.33
N ASP A 289 -7.77 11.69 -13.83
CA ASP A 289 -7.94 13.15 -13.69
C ASP A 289 -9.10 13.60 -14.57
N MET A 290 -9.16 13.16 -15.85
CA MET A 290 -10.26 13.56 -16.72
C MET A 290 -11.62 13.09 -16.17
N LEU A 291 -11.62 11.93 -15.48
CA LEU A 291 -12.81 11.37 -14.82
C LEU A 291 -13.20 12.16 -13.53
N TRP A 292 -12.25 13.01 -12.98
CA TRP A 292 -12.34 13.93 -11.82
C TRP A 292 -12.02 13.25 -10.48
C18 9J4 B . -0.26 -1.18 9.98
C17 9J4 B . -0.94 -0.65 8.69
C16 9J4 B . -0.11 0.65 8.34
C15 9J4 B . -0.16 1.23 9.77
C19 9J4 B . 0.28 0.08 10.67
C20 9J4 B . 1.30 0.42 7.76
C22 9J4 B . -0.83 1.58 7.35
C23 9J4 B . -4.93 5.19 13.10
C24 9J4 B . -6.23 5.09 13.58
C11 9J4 B . 2.55 4.47 9.31
C27 9J4 B . -5.21 3.13 11.91
C1 9J4 B . -0.96 4.02 10.78
N2 9J4 B . -1.20 5.38 11.00
N3 9J4 B . -0.35 6.41 10.73
C4 9J4 B . 0.77 6.04 10.21
C5 9J4 B . 1.19 4.72 9.90
C6 9J4 B . 0.30 3.67 10.20
C7 9J4 B . -2.12 3.37 11.20
C8 9J4 B . -3.05 4.37 11.66
C9 9J4 B . -2.44 5.60 11.51
N10 9J4 B . 0.68 2.40 10.00
N12 9J4 B . 3.43 5.47 9.33
O13 9J4 B . 2.85 3.38 8.81
C14 9J4 B . -4.41 4.21 12.25
N21 9J4 B . -0.83 -1.71 7.66
C25 9J4 B . -7.02 4.02 13.23
C26 9J4 B . -6.52 3.04 12.39
C28 9J4 B . -2.44 -0.47 8.89
#